data_6GUI
#
_entry.id   6GUI
#
_cell.length_a   54.970
_cell.length_b   92.610
_cell.length_c   130.900
_cell.angle_alpha   90.00
_cell.angle_beta   90.00
_cell.angle_gamma   90.00
#
_symmetry.space_group_name_H-M   'P 21 21 21'
#
loop_
_entity.id
_entity.type
_entity.pdbx_description
1 polymer 'Siderophore esterase IroE-like, putative'
2 non-polymer GLYCEROL
3 water water
#
_entity_poly.entity_id   1
_entity_poly.type   'polypeptide(L)'
_entity_poly.pdbx_seq_one_letter_code
;GSDRPTPVPLPNSEQFYLENDRGEPYLIQVSWPLHWEDKQTGRGPLPIIYIVDGNALFLTATEAAWRRAAASHFAGGGII
VAIGYPLKGKLYDARRRSFDLTPPTACAPVGYGGADVFLDFIENSVRPAVQARFPQVSLAREALYGHSYGGLLALHALFT
RPQSFDCYIASSPSIWWNSLCILHEAKAFVETKKVSHDQSPSLMVSWGSWEQHPPRWADELLDHYEARKRTAAELRMADN
ALDLCAMLHGCSRLHALIKTEYEGEDNTSVMSCSVSRGLTMFFEDWPFHQSG
;
_entity_poly.pdbx_strand_id   A,B
#
loop_
_chem_comp.id
_chem_comp.type
_chem_comp.name
_chem_comp.formula
GOL non-polymer GLYCEROL 'C3 H8 O3'
#
# COMPACT_ATOMS: atom_id res chain seq x y z
N PRO A 5 -13.80 -24.17 -1.24
CA PRO A 5 -13.29 -22.82 -1.51
C PRO A 5 -13.46 -22.39 -2.96
N THR A 6 -13.66 -21.08 -3.16
CA THR A 6 -13.92 -20.50 -4.48
C THR A 6 -12.79 -19.52 -4.85
N PRO A 7 -12.75 -19.07 -6.12
CA PRO A 7 -11.87 -17.94 -6.45
C PRO A 7 -12.29 -16.66 -5.75
N VAL A 8 -11.35 -15.74 -5.55
CA VAL A 8 -11.63 -14.46 -4.91
C VAL A 8 -12.15 -13.48 -5.98
N PRO A 9 -13.41 -13.02 -5.84
CA PRO A 9 -13.92 -12.00 -6.76
C PRO A 9 -13.46 -10.60 -6.34
N LEU A 10 -13.33 -9.71 -7.31
CA LEU A 10 -13.07 -8.30 -7.02
C LEU A 10 -14.34 -7.49 -7.36
N PRO A 11 -15.07 -7.02 -6.33
CA PRO A 11 -16.28 -6.23 -6.60
C PRO A 11 -15.98 -4.85 -7.17
N ASN A 12 -16.99 -4.24 -7.78
CA ASN A 12 -16.91 -2.87 -8.32
C ASN A 12 -15.66 -2.65 -9.17
N SER A 13 -15.42 -3.62 -10.07
CA SER A 13 -14.30 -3.56 -10.98
C SER A 13 -14.63 -4.33 -12.24
N GLU A 14 -13.88 -4.04 -13.30
CA GLU A 14 -13.94 -4.83 -14.52
C GLU A 14 -12.64 -4.65 -15.27
N GLN A 15 -12.39 -5.56 -16.21
CA GLN A 15 -11.25 -5.45 -17.10
C GLN A 15 -11.66 -5.71 -18.54
N PHE A 16 -10.86 -5.18 -19.45
CA PHE A 16 -11.05 -5.41 -20.88
C PHE A 16 -9.72 -5.23 -21.61
N TYR A 17 -9.59 -5.88 -22.75
CA TYR A 17 -8.41 -5.77 -23.58
C TYR A 17 -8.60 -4.64 -24.58
N LEU A 18 -7.52 -3.88 -24.80
CA LEU A 18 -7.46 -2.87 -25.86
C LEU A 18 -6.17 -3.05 -26.63
N GLU A 19 -6.23 -2.68 -27.90
CA GLU A 19 -5.11 -2.75 -28.80
C GLU A 19 -4.70 -1.34 -29.17
N ASN A 20 -3.39 -1.07 -29.22
CA ASN A 20 -2.90 0.20 -29.74
C ASN A 20 -2.95 0.19 -31.27
N ASP A 21 -2.58 1.30 -31.89
CA ASP A 21 -2.61 1.41 -33.36
C ASP A 21 -1.54 0.55 -34.06
N ARG A 22 -0.55 0.08 -33.31
CA ARG A 22 0.48 -0.85 -33.79
C ARG A 22 0.11 -2.35 -33.63
N GLY A 23 -1.09 -2.65 -33.11
CA GLY A 23 -1.55 -4.03 -32.95
C GLY A 23 -1.08 -4.73 -31.69
N GLU A 24 -0.55 -3.98 -30.73
CA GLU A 24 0.02 -4.53 -29.49
C GLU A 24 -1.05 -4.55 -28.39
N PRO A 25 -1.15 -5.67 -27.63
CA PRO A 25 -2.25 -5.81 -26.67
C PRO A 25 -2.00 -5.15 -25.30
N TYR A 26 -3.09 -4.65 -24.71
CA TYR A 26 -3.09 -4.12 -23.35
C TYR A 26 -4.26 -4.70 -22.58
N LEU A 27 -4.06 -4.92 -21.29
CA LEU A 27 -5.14 -5.25 -20.35
C LEU A 27 -5.43 -4.00 -19.53
N ILE A 28 -6.64 -3.48 -19.67
CA ILE A 28 -7.10 -2.31 -18.90
C ILE A 28 -7.94 -2.81 -17.73
N GLN A 29 -7.57 -2.44 -16.52
CA GLN A 29 -8.34 -2.78 -15.32
C GLN A 29 -8.89 -1.51 -14.69
N VAL A 30 -10.17 -1.52 -14.37
CA VAL A 30 -10.88 -0.34 -13.87
C VAL A 30 -11.60 -0.69 -12.58
N SER A 31 -11.57 0.23 -11.61
CA SER A 31 -12.40 0.12 -10.41
C SER A 31 -13.02 1.46 -10.03
N TRP A 32 -14.10 1.39 -9.27
CA TRP A 32 -14.88 2.56 -8.87
C TRP A 32 -15.28 2.43 -7.40
N PRO A 33 -15.81 3.51 -6.79
CA PRO A 33 -16.07 3.46 -5.34
C PRO A 33 -16.93 2.28 -4.90
N LEU A 34 -16.52 1.63 -3.81
CA LEU A 34 -17.12 0.39 -3.34
C LEU A 34 -18.57 0.55 -2.91
N HIS A 35 -18.92 1.73 -2.40
CA HIS A 35 -20.28 2.02 -1.95
C HIS A 35 -21.34 2.11 -3.07
N TRP A 36 -20.91 2.22 -4.32
CA TRP A 36 -21.83 2.17 -5.47
C TRP A 36 -22.45 0.79 -5.61
N GLU A 37 -23.77 0.75 -5.85
CA GLU A 37 -24.48 -0.52 -6.08
C GLU A 37 -24.03 -1.18 -7.39
N ASP A 38 -23.82 -0.34 -8.41
CA ASP A 38 -23.28 -0.78 -9.69
C ASP A 38 -22.49 0.34 -10.37
N LYS A 39 -21.87 0.02 -11.51
CA LYS A 39 -21.12 0.99 -12.34
C LYS A 39 -21.94 2.23 -12.72
N GLN A 40 -23.26 2.06 -12.90
CA GLN A 40 -24.17 3.16 -13.28
C GLN A 40 -24.56 4.12 -12.14
N THR A 41 -24.16 3.83 -10.90
CA THR A 41 -24.46 4.72 -9.76
C THR A 41 -23.82 6.12 -9.91
N GLY A 42 -22.61 6.16 -10.44
CA GLY A 42 -21.88 7.43 -10.59
C GLY A 42 -22.46 8.36 -11.63
N ARG A 43 -22.78 9.59 -11.20
CA ARG A 43 -23.23 10.66 -12.10
C ARG A 43 -22.48 11.95 -11.77
N GLY A 44 -22.19 12.75 -12.81
CA GLY A 44 -21.54 14.05 -12.62
C GLY A 44 -20.02 13.96 -12.61
N PRO A 45 -19.35 15.03 -12.13
CA PRO A 45 -17.89 15.12 -12.20
C PRO A 45 -17.15 14.19 -11.24
N LEU A 46 -16.14 13.48 -11.74
CA LEU A 46 -15.28 12.62 -10.92
C LEU A 46 -13.82 12.70 -11.38
N PRO A 47 -12.87 12.63 -10.43
CA PRO A 47 -11.46 12.54 -10.81
C PRO A 47 -11.10 11.12 -11.24
N ILE A 48 -10.11 11.00 -12.11
CA ILE A 48 -9.68 9.72 -12.65
C ILE A 48 -8.15 9.65 -12.66
N ILE A 49 -7.60 8.51 -12.27
CA ILE A 49 -6.15 8.32 -12.22
C ILE A 49 -5.78 7.13 -13.14
N TYR A 50 -4.82 7.38 -14.03
CA TYR A 50 -4.30 6.36 -14.94
C TYR A 50 -2.96 5.89 -14.40
N ILE A 51 -2.83 4.57 -14.21
CA ILE A 51 -1.66 3.95 -13.60
C ILE A 51 -0.98 3.03 -14.61
N VAL A 52 0.26 3.35 -14.99
CA VAL A 52 1.05 2.50 -15.89
C VAL A 52 1.80 1.44 -15.08
N ASP A 53 2.28 0.40 -15.76
CA ASP A 53 2.61 -0.91 -15.12
C ASP A 53 1.42 -1.38 -14.30
N GLY A 54 0.25 -1.35 -14.93
CA GLY A 54 -1.03 -1.53 -14.26
C GLY A 54 -1.16 -2.80 -13.45
N ASN A 55 -0.58 -3.89 -13.96
CA ASN A 55 -0.65 -5.19 -13.29
C ASN A 55 -0.05 -5.17 -11.89
N ALA A 56 0.99 -4.36 -11.70
CA ALA A 56 1.71 -4.30 -10.44
C ALA A 56 1.02 -3.50 -9.33
N LEU A 57 0.09 -2.62 -9.70
CA LEU A 57 -0.47 -1.62 -8.77
C LEU A 57 -2.00 -1.55 -8.65
N PHE A 58 -2.73 -2.21 -9.53
CA PHE A 58 -4.18 -2.05 -9.62
C PHE A 58 -4.91 -2.37 -8.31
N LEU A 59 -4.55 -3.50 -7.69
CA LEU A 59 -5.25 -3.97 -6.49
C LEU A 59 -5.01 -3.06 -5.29
N THR A 60 -3.76 -2.60 -5.12
CA THR A 60 -3.40 -1.69 -4.04
C THR A 60 -4.07 -0.33 -4.21
N ALA A 61 -4.03 0.21 -5.42
CA ALA A 61 -4.72 1.47 -5.74
C ALA A 61 -6.22 1.36 -5.50
N THR A 62 -6.81 0.26 -5.98
CA THR A 62 -8.24 -0.01 -5.81
C THR A 62 -8.63 -0.05 -4.33
N GLU A 63 -7.92 -0.84 -3.55
CA GLU A 63 -8.26 -1.05 -2.14
C GLU A 63 -7.96 0.20 -1.28
N ALA A 64 -6.85 0.89 -1.59
CA ALA A 64 -6.52 2.15 -0.93
C ALA A 64 -7.60 3.21 -1.15
N ALA A 65 -8.09 3.31 -2.39
CA ALA A 65 -9.22 4.19 -2.71
C ALA A 65 -10.47 3.82 -1.90
N TRP A 66 -10.75 2.53 -1.79
CA TRP A 66 -11.88 2.05 -1.00
C TRP A 66 -11.73 2.36 0.50
N ARG A 67 -10.52 2.19 1.04
CA ARG A 67 -10.23 2.54 2.44
C ARG A 67 -10.51 4.02 2.76
N ARG A 68 -10.36 4.91 1.78
CA ARG A 68 -10.66 6.34 1.97
C ARG A 68 -12.11 6.64 2.35
N ALA A 69 -13.05 5.74 2.05
CA ALA A 69 -14.46 5.91 2.45
C ALA A 69 -14.67 6.15 3.96
N ALA A 70 -13.79 5.59 4.79
CA ALA A 70 -13.83 5.80 6.25
C ALA A 70 -13.15 7.09 6.74
N ALA A 71 -12.43 7.79 5.86
CA ALA A 71 -11.71 9.02 6.23
C ALA A 71 -12.63 10.24 6.21
N SER A 72 -12.39 11.18 7.12
CA SER A 72 -13.22 12.38 7.24
C SER A 72 -13.13 13.32 6.02
N HIS A 73 -12.01 13.27 5.29
CA HIS A 73 -11.82 14.11 4.09
C HIS A 73 -12.34 13.49 2.78
N PHE A 74 -12.99 12.33 2.88
CA PHE A 74 -13.59 11.65 1.72
C PHE A 74 -14.64 12.53 1.04
N ALA A 75 -14.56 12.62 -0.29
CA ALA A 75 -15.46 13.47 -1.08
C ALA A 75 -16.09 12.70 -2.25
N GLY A 76 -16.38 11.41 -2.03
CA GLY A 76 -17.02 10.56 -3.05
C GLY A 76 -16.10 9.69 -3.86
N GLY A 77 -14.79 9.94 -3.79
CA GLY A 77 -13.79 9.09 -4.45
C GLY A 77 -13.62 9.40 -5.93
N GLY A 78 -13.20 8.39 -6.69
CA GLY A 78 -12.96 8.53 -8.12
C GLY A 78 -12.74 7.19 -8.81
N ILE A 79 -12.26 7.24 -10.05
CA ILE A 79 -12.09 6.05 -10.89
C ILE A 79 -10.60 5.72 -11.02
N ILE A 80 -10.27 4.44 -10.81
CA ILE A 80 -8.91 3.92 -10.97
C ILE A 80 -8.83 3.23 -12.32
N VAL A 81 -7.82 3.58 -13.13
CA VAL A 81 -7.57 2.91 -14.41
C VAL A 81 -6.13 2.42 -14.43
N ALA A 82 -5.97 1.10 -14.41
CA ALA A 82 -4.65 0.48 -14.50
C ALA A 82 -4.41 0.00 -15.92
N ILE A 83 -3.34 0.50 -16.53
CA ILE A 83 -3.00 0.18 -17.92
C ILE A 83 -1.86 -0.82 -17.88
N GLY A 84 -2.19 -2.08 -18.18
CA GLY A 84 -1.27 -3.20 -18.05
C GLY A 84 -1.16 -4.05 -19.29
N TYR A 85 -0.59 -5.23 -19.11
CA TYR A 85 -0.29 -6.17 -20.21
C TYR A 85 -0.87 -7.55 -19.90
N PRO A 86 -1.11 -8.37 -20.94
CA PRO A 86 -1.50 -9.77 -20.68
C PRO A 86 -0.34 -10.56 -20.07
N LEU A 87 -0.44 -10.88 -18.78
CA LEU A 87 0.62 -11.54 -18.03
C LEU A 87 0.09 -12.70 -17.17
N LYS A 88 0.94 -13.71 -17.00
CA LYS A 88 0.68 -14.82 -16.08
C LYS A 88 1.93 -15.03 -15.20
N GLY A 89 1.73 -15.05 -13.89
CA GLY A 89 2.80 -15.37 -12.95
C GLY A 89 3.78 -14.26 -12.61
N LYS A 90 3.54 -13.05 -13.12
CA LYS A 90 4.39 -11.90 -12.83
C LYS A 90 3.62 -10.60 -13.05
N LEU A 91 4.21 -9.49 -12.59
CA LEU A 91 3.55 -8.18 -12.58
C LEU A 91 4.07 -7.19 -13.62
N TYR A 92 5.18 -7.50 -14.30
CA TYR A 92 5.78 -6.59 -15.28
C TYR A 92 6.07 -7.30 -16.59
N ASP A 93 5.89 -6.58 -17.69
CA ASP A 93 6.31 -7.04 -19.01
C ASP A 93 7.55 -6.22 -19.39
N ALA A 94 8.72 -6.81 -19.19
CA ALA A 94 10.00 -6.10 -19.37
C ALA A 94 10.19 -5.55 -20.78
N ARG A 95 9.91 -6.37 -21.80
CA ARG A 95 10.07 -5.96 -23.20
C ARG A 95 9.11 -4.83 -23.58
N ARG A 96 7.83 -5.02 -23.27
CA ARG A 96 6.80 -4.05 -23.64
C ARG A 96 6.98 -2.70 -22.95
N ARG A 97 7.23 -2.73 -21.64
CA ARG A 97 7.39 -1.51 -20.84
C ARG A 97 8.66 -0.74 -21.19
N SER A 98 9.72 -1.45 -21.58
CA SER A 98 10.97 -0.81 -22.04
C SER A 98 10.72 0.15 -23.22
N PHE A 99 9.84 -0.24 -24.14
CA PHE A 99 9.45 0.63 -25.26
C PHE A 99 8.44 1.69 -24.82
N ASP A 100 7.37 1.26 -24.15
CA ASP A 100 6.25 2.14 -23.77
C ASP A 100 6.63 3.29 -22.84
N LEU A 101 7.58 3.08 -21.95
CA LEU A 101 7.84 4.02 -20.85
C LEU A 101 9.06 4.93 -21.02
N THR A 102 9.85 4.72 -22.08
CA THR A 102 11.07 5.51 -22.28
C THR A 102 10.93 6.46 -23.48
N PRO A 103 11.43 7.71 -23.34
CA PRO A 103 11.30 8.70 -24.40
C PRO A 103 12.28 8.49 -25.56
N PRO A 104 11.95 8.99 -26.76
CA PRO A 104 12.82 8.79 -27.92
C PRO A 104 14.14 9.57 -27.84
N THR A 105 15.26 8.89 -28.07
CA THR A 105 16.58 9.52 -28.16
C THR A 105 17.39 8.85 -29.27
N ALA A 106 18.38 9.57 -29.78
CA ALA A 106 19.22 9.08 -30.87
C ALA A 106 20.11 7.89 -30.49
N CYS A 107 20.48 7.80 -29.21
CA CYS A 107 21.35 6.72 -28.72
CA CYS A 107 21.35 6.74 -28.69
C CYS A 107 20.60 5.63 -27.93
N ALA A 108 19.27 5.73 -27.85
CA ALA A 108 18.47 4.70 -27.16
C ALA A 108 18.59 3.36 -27.90
N PRO A 109 18.82 2.24 -27.16
CA PRO A 109 18.90 0.94 -27.83
C PRO A 109 17.60 0.51 -28.53
N VAL A 110 17.68 -0.55 -29.32
CA VAL A 110 16.51 -1.14 -29.98
C VAL A 110 15.52 -1.59 -28.90
N GLY A 111 14.24 -1.31 -29.10
CA GLY A 111 13.19 -1.64 -28.14
C GLY A 111 12.91 -0.58 -27.08
N TYR A 112 13.54 0.58 -27.20
CA TYR A 112 13.28 1.74 -26.33
C TYR A 112 12.82 2.92 -27.17
N GLY A 113 12.23 3.92 -26.51
CA GLY A 113 11.86 5.18 -27.15
C GLY A 113 10.46 5.25 -27.72
N GLY A 114 9.52 4.52 -27.11
CA GLY A 114 8.12 4.48 -27.57
C GLY A 114 7.12 5.22 -26.70
N ALA A 115 7.59 6.12 -25.85
CA ALA A 115 6.73 6.85 -24.90
C ALA A 115 5.61 7.65 -25.56
N ASP A 116 5.91 8.29 -26.69
CA ASP A 116 4.91 9.11 -27.39
C ASP A 116 3.82 8.26 -28.04
N VAL A 117 4.19 7.08 -28.53
CA VAL A 117 3.23 6.11 -29.06
C VAL A 117 2.28 5.67 -27.93
N PHE A 118 2.85 5.41 -26.76
CA PHE A 118 2.08 4.96 -25.60
C PHE A 118 1.17 6.07 -25.05
N LEU A 119 1.70 7.29 -24.94
CA LEU A 119 0.89 8.43 -24.49
C LEU A 119 -0.27 8.73 -25.44
N ASP A 120 -0.02 8.62 -26.74
CA ASP A 120 -1.10 8.73 -27.75
C ASP A 120 -2.16 7.64 -27.54
N PHE A 121 -1.72 6.41 -27.29
CA PHE A 121 -2.62 5.29 -26.97
C PHE A 121 -3.49 5.57 -25.73
N ILE A 122 -2.88 6.12 -24.69
CA ILE A 122 -3.61 6.45 -23.46
C ILE A 122 -4.67 7.52 -23.73
N GLU A 123 -4.27 8.60 -24.41
CA GLU A 123 -5.19 9.71 -24.70
C GLU A 123 -6.26 9.39 -25.74
N ASN A 124 -5.91 8.65 -26.78
CA ASN A 124 -6.81 8.41 -27.93
C ASN A 124 -7.59 7.10 -27.89
N SER A 125 -7.15 6.13 -27.08
CA SER A 125 -7.85 4.83 -26.97
C SER A 125 -8.33 4.51 -25.54
N VAL A 126 -7.45 4.63 -24.55
CA VAL A 126 -7.81 4.27 -23.16
C VAL A 126 -8.84 5.24 -22.59
N ARG A 127 -8.58 6.54 -22.71
CA ARG A 127 -9.49 7.58 -22.18
C ARG A 127 -10.93 7.48 -22.74
N PRO A 128 -11.09 7.41 -24.09
CA PRO A 128 -12.44 7.20 -24.64
C PRO A 128 -13.10 5.87 -24.26
N ALA A 129 -12.32 4.80 -24.17
CA ALA A 129 -12.85 3.48 -23.77
C ALA A 129 -13.40 3.51 -22.34
N VAL A 130 -12.69 4.20 -21.45
CA VAL A 130 -13.15 4.38 -20.07
C VAL A 130 -14.38 5.31 -20.03
N GLN A 131 -14.34 6.43 -20.76
CA GLN A 131 -15.48 7.35 -20.83
C GLN A 131 -16.75 6.66 -21.32
N ALA A 132 -16.63 5.77 -22.31
CA ALA A 132 -17.76 5.01 -22.84
C ALA A 132 -18.40 4.05 -21.84
N ARG A 133 -17.60 3.58 -20.88
CA ARG A 133 -18.09 2.71 -19.79
C ARG A 133 -18.72 3.46 -18.61
N PHE A 134 -18.44 4.76 -18.50
CA PHE A 134 -19.11 5.64 -17.53
C PHE A 134 -19.73 6.84 -18.28
N PRO A 135 -20.76 6.59 -19.12
CA PRO A 135 -21.33 7.69 -19.92
C PRO A 135 -21.99 8.81 -19.09
N GLN A 136 -22.49 8.48 -17.90
CA GLN A 136 -23.09 9.47 -16.99
C GLN A 136 -22.05 10.32 -16.25
N VAL A 137 -20.80 9.87 -16.23
CA VAL A 137 -19.71 10.55 -15.52
C VAL A 137 -18.97 11.54 -16.43
N SER A 138 -18.64 12.69 -15.87
CA SER A 138 -17.76 13.68 -16.48
C SER A 138 -16.37 13.55 -15.84
N LEU A 139 -15.32 13.57 -16.65
CA LEU A 139 -13.95 13.48 -16.14
C LEU A 139 -13.50 14.86 -15.67
N ALA A 140 -13.66 15.13 -14.38
CA ALA A 140 -13.38 16.44 -13.78
C ALA A 140 -11.91 16.82 -13.89
N ARG A 141 -11.04 15.84 -13.63
CA ARG A 141 -9.60 16.00 -13.75
C ARG A 141 -8.96 14.63 -13.92
N GLU A 142 -7.76 14.61 -14.50
CA GLU A 142 -7.07 13.37 -14.85
C GLU A 142 -5.63 13.41 -14.36
N ALA A 143 -5.18 12.31 -13.74
CA ALA A 143 -3.80 12.16 -13.29
C ALA A 143 -3.13 10.96 -13.96
N LEU A 144 -1.84 11.11 -14.26
CA LEU A 144 -1.01 10.03 -14.79
C LEU A 144 0.01 9.64 -13.72
N TYR A 145 -0.05 8.39 -13.27
CA TYR A 145 0.89 7.85 -12.30
C TYR A 145 1.79 6.82 -12.97
N GLY A 146 3.07 6.87 -12.63
CA GLY A 146 3.99 5.78 -13.00
C GLY A 146 5.16 5.68 -12.03
N HIS A 147 5.73 4.49 -11.95
CA HIS A 147 6.84 4.17 -11.04
C HIS A 147 8.07 3.67 -11.80
N SER A 148 9.25 4.17 -11.42
CA SER A 148 10.55 3.84 -12.05
C SER A 148 10.60 4.33 -13.50
N TYR A 149 10.66 3.44 -14.51
CA TYR A 149 10.47 3.88 -15.90
C TYR A 149 9.11 4.57 -16.08
N GLY A 150 8.11 4.12 -15.32
CA GLY A 150 6.81 4.79 -15.29
C GLY A 150 6.87 6.24 -14.83
N GLY A 151 7.73 6.52 -13.85
CA GLY A 151 7.96 7.88 -13.37
C GLY A 151 8.64 8.72 -14.43
N LEU A 152 9.59 8.12 -15.15
CA LEU A 152 10.22 8.75 -16.30
C LEU A 152 9.19 9.11 -17.37
N LEU A 153 8.23 8.22 -17.64
CA LEU A 153 7.12 8.50 -18.56
C LEU A 153 6.29 9.70 -18.11
N ALA A 154 5.94 9.73 -16.81
CA ALA A 154 5.15 10.82 -16.25
C ALA A 154 5.84 12.18 -16.42
N LEU A 155 7.14 12.22 -16.17
CA LEU A 155 7.94 13.42 -16.38
C LEU A 155 7.99 13.81 -17.86
N HIS A 156 8.22 12.82 -18.74
CA HIS A 156 8.23 13.06 -20.19
C HIS A 156 6.90 13.66 -20.68
N ALA A 157 5.79 13.13 -20.18
CA ALA A 157 4.45 13.61 -20.52
C ALA A 157 4.26 15.07 -20.12
N LEU A 158 4.65 15.39 -18.88
CA LEU A 158 4.61 16.78 -18.40
C LEU A 158 5.42 17.73 -19.27
N PHE A 159 6.65 17.34 -19.60
CA PHE A 159 7.57 18.24 -20.31
C PHE A 159 7.26 18.42 -21.80
N THR A 160 6.65 17.41 -22.43
CA THR A 160 6.37 17.44 -23.87
C THR A 160 4.88 17.58 -24.26
N ARG A 161 3.96 17.22 -23.35
CA ARG A 161 2.52 17.42 -23.58
C ARG A 161 1.80 17.81 -22.27
N PRO A 162 2.21 18.93 -21.64
CA PRO A 162 1.69 19.34 -20.31
C PRO A 162 0.17 19.45 -20.18
N GLN A 163 -0.51 19.78 -21.28
CA GLN A 163 -1.97 19.87 -21.34
C GLN A 163 -2.72 18.51 -21.31
N SER A 164 -2.02 17.40 -21.50
CA SER A 164 -2.65 16.08 -21.62
C SER A 164 -3.32 15.59 -20.33
N PHE A 165 -2.67 15.84 -19.19
CA PHE A 165 -3.22 15.53 -17.87
C PHE A 165 -3.10 16.72 -16.93
N ASP A 166 -3.93 16.72 -15.89
CA ASP A 166 -3.95 17.79 -14.88
C ASP A 166 -2.85 17.60 -13.83
N CYS A 167 -2.56 16.35 -13.51
CA CYS A 167 -1.57 16.01 -12.49
C CYS A 167 -0.67 14.88 -12.99
N TYR A 168 0.62 15.00 -12.69
CA TYR A 168 1.61 13.99 -13.06
C TYR A 168 2.25 13.51 -11.77
N ILE A 169 2.25 12.19 -11.57
CA ILE A 169 2.77 11.59 -10.34
C ILE A 169 3.91 10.66 -10.71
N ALA A 170 5.15 11.13 -10.46
CA ALA A 170 6.36 10.41 -10.80
C ALA A 170 6.96 9.76 -9.56
N SER A 171 6.72 8.46 -9.40
CA SER A 171 7.23 7.69 -8.26
C SER A 171 8.60 7.11 -8.61
N SER A 172 9.62 7.50 -7.85
CA SER A 172 11.00 7.02 -8.05
C SER A 172 11.42 7.06 -9.53
N PRO A 173 11.30 8.23 -10.18
CA PRO A 173 11.53 8.29 -11.63
C PRO A 173 12.97 7.94 -11.99
N SER A 174 13.14 7.12 -13.03
CA SER A 174 14.47 6.68 -13.46
C SER A 174 15.14 7.76 -14.30
N ILE A 175 15.47 8.88 -13.64
CA ILE A 175 16.07 10.05 -14.30
C ILE A 175 17.44 9.68 -14.88
N TRP A 176 18.15 8.78 -14.20
CA TRP A 176 19.42 8.19 -14.68
C TRP A 176 19.42 7.60 -16.11
N TRP A 177 18.26 7.16 -16.61
CA TRP A 177 18.18 6.46 -17.90
C TRP A 177 18.78 7.26 -19.08
N ASN A 178 19.62 6.58 -19.85
CA ASN A 178 20.19 7.11 -21.10
C ASN A 178 20.91 8.46 -20.92
N SER A 179 21.85 8.47 -19.97
CA SER A 179 22.68 9.64 -19.67
C SER A 179 21.87 10.91 -19.30
N LEU A 180 20.85 10.72 -18.47
CA LEU A 180 20.02 11.83 -17.96
C LEU A 180 19.33 12.64 -19.06
N CYS A 181 18.83 11.96 -20.09
CA CYS A 181 18.24 12.61 -21.27
C CYS A 181 16.98 13.43 -20.98
N ILE A 182 16.26 13.07 -19.92
CA ILE A 182 15.05 13.78 -19.48
C ILE A 182 15.29 15.24 -19.07
N LEU A 183 16.52 15.56 -18.64
CA LEU A 183 16.87 16.94 -18.22
C LEU A 183 16.90 17.94 -19.39
N HIS A 184 17.17 17.47 -20.60
CA HIS A 184 17.04 18.29 -21.81
C HIS A 184 15.59 18.77 -21.99
N GLU A 185 14.65 17.86 -21.80
CA GLU A 185 13.23 18.16 -21.91
C GLU A 185 12.72 19.07 -20.77
N ALA A 186 13.23 18.84 -19.56
CA ALA A 186 12.91 19.68 -18.41
C ALA A 186 13.39 21.13 -18.60
N LYS A 187 14.60 21.29 -19.13
CA LYS A 187 15.18 22.61 -19.43
C LYS A 187 14.32 23.37 -20.45
N ALA A 188 13.95 22.69 -21.53
CA ALA A 188 13.07 23.26 -22.56
C ALA A 188 11.70 23.63 -22.01
N PHE A 189 11.18 22.81 -21.10
CA PHE A 189 9.89 23.07 -20.45
C PHE A 189 9.89 24.36 -19.64
N VAL A 190 10.89 24.56 -18.79
CA VAL A 190 10.99 25.78 -17.96
C VAL A 190 11.30 27.05 -18.78
N GLU A 191 12.10 26.91 -19.83
CA GLU A 191 12.50 28.06 -20.67
C GLU A 191 11.43 28.53 -21.66
N THR A 192 10.41 27.70 -21.90
CA THR A 192 9.25 28.10 -22.72
C THR A 192 8.38 29.09 -21.94
N LYS A 193 7.87 30.10 -22.63
CA LYS A 193 6.96 31.08 -22.03
C LYS A 193 5.57 30.47 -21.84
N LYS A 194 4.91 30.83 -20.74
CA LYS A 194 3.62 30.24 -20.35
C LYS A 194 2.53 30.53 -21.39
N GLN A 199 -4.40 27.05 -17.65
CA GLN A 199 -4.25 26.57 -16.28
C GLN A 199 -3.13 25.51 -16.21
N SER A 200 -2.16 25.76 -15.34
CA SER A 200 -0.95 24.93 -15.25
C SER A 200 -1.21 23.62 -14.51
N PRO A 201 -0.59 22.51 -14.96
CA PRO A 201 -0.71 21.24 -14.24
C PRO A 201 0.16 21.19 -12.99
N SER A 202 0.00 20.13 -12.21
CA SER A 202 0.78 19.89 -10.99
C SER A 202 1.64 18.65 -11.14
N LEU A 203 2.71 18.58 -10.35
CA LEU A 203 3.64 17.45 -10.36
C LEU A 203 3.88 16.96 -8.94
N MET A 204 3.81 15.65 -8.74
CA MET A 204 4.23 15.00 -7.51
C MET A 204 5.42 14.10 -7.82
N VAL A 205 6.54 14.32 -7.13
CA VAL A 205 7.74 13.50 -7.28
C VAL A 205 8.05 12.85 -5.94
N SER A 206 8.38 11.56 -5.96
CA SER A 206 8.76 10.87 -4.73
C SER A 206 9.84 9.82 -4.96
N TRP A 207 10.47 9.43 -3.86
CA TRP A 207 11.48 8.37 -3.88
C TRP A 207 11.66 7.83 -2.46
N GLY A 208 12.25 6.65 -2.35
CA GLY A 208 12.57 6.05 -1.05
C GLY A 208 13.97 6.41 -0.59
N SER A 209 14.13 6.61 0.72
CA SER A 209 15.44 6.99 1.30
C SER A 209 16.51 5.91 1.14
N TRP A 210 16.11 4.65 1.03
CA TRP A 210 17.03 3.54 0.84
C TRP A 210 17.46 3.29 -0.62
N GLU A 211 16.90 4.02 -1.58
CA GLU A 211 17.22 3.78 -2.99
C GLU A 211 18.67 4.17 -3.29
N GLN A 212 19.05 5.38 -2.92
CA GLN A 212 20.44 5.86 -3.10
C GLN A 212 21.38 5.39 -1.98
N HIS A 213 20.84 5.15 -0.79
CA HIS A 213 21.64 4.76 0.38
C HIS A 213 21.02 3.53 1.06
N PRO A 214 21.18 2.35 0.43
CA PRO A 214 20.57 1.13 0.96
C PRO A 214 21.28 0.61 2.22
N PRO A 215 20.50 0.11 3.21
CA PRO A 215 21.11 -0.52 4.36
C PRO A 215 21.56 -1.94 4.03
N ARG A 216 22.53 -2.43 4.79
CA ARG A 216 23.04 -3.78 4.62
C ARG A 216 22.02 -4.80 5.12
N TRP A 217 21.90 -5.92 4.41
CA TRP A 217 21.03 -7.02 4.86
C TRP A 217 21.76 -7.82 5.94
N ALA A 218 20.99 -8.59 6.72
CA ALA A 218 21.56 -9.56 7.64
C ALA A 218 22.25 -10.67 6.83
N ASP A 219 23.42 -11.10 7.32
CA ASP A 219 24.23 -12.16 6.69
C ASP A 219 24.81 -11.82 5.30
N GLU A 220 24.78 -10.55 4.90
CA GLU A 220 25.31 -10.12 3.60
C GLU A 220 26.82 -9.88 3.73
N LEU A 221 27.59 -10.47 2.82
CA LEU A 221 29.04 -10.25 2.77
C LEU A 221 29.33 -8.82 2.33
N LEU A 222 30.40 -8.24 2.88
CA LEU A 222 30.76 -6.84 2.62
C LEU A 222 30.93 -6.52 1.13
N ASP A 223 31.59 -7.41 0.40
CA ASP A 223 31.82 -7.22 -1.03
C ASP A 223 30.51 -7.11 -1.82
N HIS A 224 29.54 -7.96 -1.47
CA HIS A 224 28.21 -7.91 -2.06
C HIS A 224 27.49 -6.59 -1.74
N TYR A 225 27.58 -6.15 -0.49
CA TYR A 225 26.96 -4.88 -0.05
C TYR A 225 27.60 -3.66 -0.72
N GLU A 226 28.91 -3.64 -0.81
CA GLU A 226 29.62 -2.55 -1.50
C GLU A 226 29.23 -2.44 -2.98
N ALA A 227 28.98 -3.58 -3.63
CA ALA A 227 28.47 -3.60 -5.00
C ALA A 227 27.08 -2.96 -5.12
N ARG A 228 26.20 -3.24 -4.15
CA ARG A 228 24.87 -2.60 -4.11
C ARG A 228 24.94 -1.08 -3.88
N LYS A 229 25.86 -0.65 -3.01
CA LYS A 229 26.09 0.78 -2.77
C LYS A 229 26.66 1.50 -4.00
N ARG A 230 27.53 0.80 -4.75
CA ARG A 230 28.10 1.34 -5.99
CA ARG A 230 28.10 1.33 -5.99
C ARG A 230 27.00 1.58 -7.03
N THR A 231 26.15 0.57 -7.22
CA THR A 231 25.02 0.66 -8.15
C THR A 231 24.05 1.77 -7.74
N ALA A 232 23.73 1.83 -6.45
CA ALA A 232 22.85 2.87 -5.90
C ALA A 232 23.40 4.29 -6.11
N ALA A 233 24.71 4.45 -5.94
CA ALA A 233 25.38 5.74 -6.17
C ALA A 233 25.32 6.16 -7.64
N GLU A 234 25.45 5.20 -8.55
CA GLU A 234 25.35 5.45 -10.00
C GLU A 234 23.95 5.90 -10.41
N LEU A 235 22.93 5.19 -9.93
CA LEU A 235 21.53 5.53 -10.24
C LEU A 235 21.09 6.87 -9.63
N ARG A 236 21.64 7.23 -8.47
CA ARG A 236 21.54 8.59 -7.91
C ARG A 236 20.08 9.06 -7.80
N MET A 237 19.23 8.20 -7.27
CA MET A 237 17.77 8.42 -7.26
C MET A 237 17.36 9.73 -6.58
N ALA A 238 17.85 9.93 -5.35
CA ALA A 238 17.46 11.09 -4.55
C ALA A 238 18.03 12.40 -5.10
N ASP A 239 19.33 12.41 -5.37
CA ASP A 239 20.00 13.65 -5.82
C ASP A 239 19.59 14.07 -7.24
N ASN A 240 19.36 13.11 -8.14
CA ASN A 240 18.81 13.44 -9.48
C ASN A 240 17.39 14.03 -9.37
N ALA A 241 16.57 13.46 -8.49
CA ALA A 241 15.22 13.96 -8.25
C ALA A 241 15.24 15.36 -7.63
N LEU A 242 16.12 15.58 -6.66
CA LEU A 242 16.26 16.88 -6.01
C LEU A 242 16.79 17.96 -6.97
N ASP A 243 17.75 17.59 -7.83
CA ASP A 243 18.24 18.49 -8.88
C ASP A 243 17.13 18.90 -9.85
N LEU A 244 16.30 17.93 -10.25
CA LEU A 244 15.17 18.20 -11.15
C LEU A 244 14.14 19.12 -10.51
N CYS A 245 13.78 18.83 -9.26
CA CYS A 245 12.83 19.67 -8.50
C CYS A 245 13.33 21.09 -8.29
N ALA A 246 14.64 21.25 -8.09
CA ALA A 246 15.28 22.57 -8.01
C ALA A 246 15.17 23.33 -9.33
N MET A 247 15.42 22.64 -10.45
CA MET A 247 15.26 23.20 -11.81
C MET A 247 13.83 23.67 -12.10
N LEU A 248 12.84 22.91 -11.63
CA LEU A 248 11.42 23.22 -11.86
C LEU A 248 10.81 24.23 -10.88
N HIS A 249 11.46 24.43 -9.73
CA HIS A 249 10.93 25.32 -8.69
C HIS A 249 10.79 26.77 -9.18
N GLY A 250 9.65 27.38 -8.90
CA GLY A 250 9.35 28.75 -9.34
C GLY A 250 8.90 28.91 -10.78
N CYS A 251 8.73 27.80 -11.51
CA CYS A 251 8.33 27.85 -12.91
C CYS A 251 6.82 28.12 -13.00
N SER A 252 6.44 29.12 -13.78
CA SER A 252 5.04 29.52 -13.95
C SER A 252 4.17 28.48 -14.66
N ARG A 253 4.80 27.58 -15.42
CA ARG A 253 4.07 26.51 -16.13
C ARG A 253 3.69 25.32 -15.24
N LEU A 254 4.10 25.31 -13.97
CA LEU A 254 3.59 24.36 -12.96
C LEU A 254 2.79 25.11 -11.91
N HIS A 255 1.60 24.61 -11.59
CA HIS A 255 0.80 25.15 -10.49
C HIS A 255 1.42 24.80 -9.15
N ALA A 256 1.73 23.52 -8.96
CA ALA A 256 2.32 23.01 -7.73
C ALA A 256 3.37 21.95 -8.02
N LEU A 257 4.38 21.89 -7.16
CA LEU A 257 5.37 20.81 -7.16
C LEU A 257 5.48 20.29 -5.73
N ILE A 258 5.18 19.01 -5.55
CA ILE A 258 5.21 18.35 -4.26
C ILE A 258 6.28 17.26 -4.34
N LYS A 259 7.29 17.34 -3.47
CA LYS A 259 8.34 16.32 -3.40
C LYS A 259 8.35 15.65 -2.03
N THR A 260 8.60 14.34 -2.03
CA THR A 260 8.57 13.53 -0.82
C THR A 260 9.66 12.46 -0.85
N GLU A 261 10.48 12.40 0.19
CA GLU A 261 11.35 11.26 0.43
C GLU A 261 10.68 10.38 1.48
N TYR A 262 10.42 9.12 1.15
CA TYR A 262 9.86 8.15 2.09
C TYR A 262 10.97 7.48 2.87
N GLU A 263 11.04 7.76 4.18
CA GLU A 263 12.08 7.19 5.04
C GLU A 263 11.92 5.67 5.15
N GLY A 264 13.01 4.94 4.95
CA GLY A 264 13.04 3.51 5.13
C GLY A 264 12.41 2.67 4.02
N GLU A 265 12.17 3.27 2.85
CA GLU A 265 11.61 2.57 1.70
C GLU A 265 12.65 2.50 0.59
N ASP A 266 12.65 1.37 -0.14
CA ASP A 266 13.49 1.24 -1.34
C ASP A 266 12.60 1.24 -2.59
N ASN A 267 13.17 0.95 -3.76
CA ASN A 267 12.44 1.08 -5.03
C ASN A 267 11.17 0.22 -5.10
N THR A 268 11.21 -0.99 -4.53
CA THR A 268 10.04 -1.87 -4.53
C THR A 268 9.04 -1.49 -3.44
N SER A 269 9.52 -1.34 -2.21
CA SER A 269 8.65 -1.13 -1.05
C SER A 269 7.92 0.22 -1.05
N VAL A 270 8.53 1.24 -1.65
CA VAL A 270 7.92 2.57 -1.73
C VAL A 270 6.63 2.61 -2.58
N MET A 271 6.45 1.63 -3.46
CA MET A 271 5.30 1.59 -4.38
C MET A 271 3.95 1.60 -3.65
N SER A 272 3.84 0.85 -2.55
CA SER A 272 2.62 0.83 -1.74
C SER A 272 2.26 2.22 -1.21
N CYS A 273 3.27 2.90 -0.67
CA CYS A 273 3.11 4.26 -0.13
C CYS A 273 2.80 5.31 -1.20
N SER A 274 3.56 5.29 -2.29
CA SER A 274 3.47 6.35 -3.30
C SER A 274 2.17 6.32 -4.12
N VAL A 275 1.69 5.13 -4.47
CA VAL A 275 0.41 5.02 -5.21
C VAL A 275 -0.77 5.40 -4.31
N SER A 276 -0.70 5.01 -3.03
CA SER A 276 -1.75 5.31 -2.06
C SER A 276 -1.85 6.82 -1.80
N ARG A 277 -0.71 7.46 -1.53
CA ARG A 277 -0.70 8.92 -1.32
C ARG A 277 -1.08 9.67 -2.59
N GLY A 278 -0.57 9.20 -3.73
CA GLY A 278 -0.84 9.84 -5.02
C GLY A 278 -2.33 9.96 -5.31
N LEU A 279 -3.04 8.84 -5.25
CA LEU A 279 -4.49 8.85 -5.52
C LEU A 279 -5.27 9.60 -4.43
N THR A 280 -4.84 9.49 -3.18
CA THR A 280 -5.52 10.16 -2.06
C THR A 280 -5.46 11.67 -2.20
N MET A 281 -4.26 12.20 -2.43
CA MET A 281 -4.09 13.64 -2.63
C MET A 281 -4.82 14.15 -3.87
N PHE A 282 -4.73 13.40 -4.97
CA PHE A 282 -5.42 13.78 -6.21
C PHE A 282 -6.95 13.77 -6.06
N PHE A 283 -7.49 12.80 -5.33
CA PHE A 283 -8.93 12.70 -5.11
C PHE A 283 -9.48 13.70 -4.08
N GLU A 284 -8.73 13.93 -3.00
CA GLU A 284 -9.25 14.66 -1.82
C GLU A 284 -8.68 16.05 -1.57
N ASP A 285 -7.46 16.32 -2.04
CA ASP A 285 -6.74 17.56 -1.70
C ASP A 285 -6.55 18.51 -2.89
N TRP A 286 -7.37 18.33 -3.93
CA TRP A 286 -7.28 19.13 -5.16
C TRP A 286 -8.22 20.35 -5.06
N PRO A 287 -7.80 21.54 -5.49
CA PRO A 287 -6.46 21.83 -6.04
C PRO A 287 -5.39 21.96 -4.97
N PHE A 288 -4.15 21.65 -5.32
CA PHE A 288 -3.02 21.77 -4.39
C PHE A 288 -2.69 23.24 -4.18
N HIS A 289 -2.12 23.55 -3.01
CA HIS A 289 -1.68 24.91 -2.70
C HIS A 289 -0.52 25.29 -3.63
N GLN A 290 -0.50 26.56 -4.04
CA GLN A 290 0.44 27.04 -5.06
C GLN A 290 1.88 26.99 -4.53
N SER A 291 2.77 26.35 -5.31
CA SER A 291 4.17 26.18 -4.92
C SER A 291 5.09 26.07 -6.14
N PRO B 5 -19.45 -6.87 -19.33
CA PRO B 5 -18.39 -6.45 -18.42
C PRO B 5 -17.71 -7.63 -17.71
N THR B 6 -16.47 -7.92 -18.11
CA THR B 6 -15.70 -9.02 -17.54
C THR B 6 -15.13 -8.61 -16.17
N PRO B 7 -15.46 -9.36 -15.09
CA PRO B 7 -14.92 -9.00 -13.77
C PRO B 7 -13.43 -9.32 -13.66
N VAL B 8 -12.74 -8.68 -12.72
CA VAL B 8 -11.30 -8.85 -12.54
C VAL B 8 -11.02 -10.11 -11.71
N PRO B 9 -10.39 -11.14 -12.32
CA PRO B 9 -10.05 -12.33 -11.55
C PRO B 9 -8.78 -12.12 -10.75
N LEU B 10 -8.75 -12.66 -9.52
CA LEU B 10 -7.55 -12.60 -8.68
C LEU B 10 -6.83 -13.94 -8.77
N PRO B 11 -5.62 -13.97 -9.35
CA PRO B 11 -4.88 -15.24 -9.44
C PRO B 11 -4.29 -15.66 -8.10
N ASN B 12 -3.85 -16.92 -8.03
CA ASN B 12 -3.11 -17.47 -6.87
C ASN B 12 -3.72 -17.09 -5.53
N SER B 13 -5.04 -17.26 -5.45
CA SER B 13 -5.81 -16.94 -4.27
C SER B 13 -7.10 -17.74 -4.23
N GLU B 14 -7.67 -17.86 -3.04
CA GLU B 14 -8.99 -18.45 -2.86
C GLU B 14 -9.63 -17.89 -1.60
N GLN B 15 -10.93 -18.15 -1.46
CA GLN B 15 -11.64 -17.81 -0.24
C GLN B 15 -12.64 -18.89 0.16
N PHE B 16 -12.95 -18.93 1.44
CA PHE B 16 -13.95 -19.83 1.98
C PHE B 16 -14.52 -19.27 3.27
N TYR B 17 -15.70 -19.77 3.64
CA TYR B 17 -16.36 -19.35 4.87
C TYR B 17 -16.12 -20.35 5.98
N LEU B 18 -15.99 -19.82 7.18
CA LEU B 18 -15.70 -20.61 8.37
C LEU B 18 -16.53 -20.02 9.50
N GLU B 19 -17.18 -20.87 10.29
CA GLU B 19 -17.95 -20.40 11.43
C GLU B 19 -17.19 -20.66 12.72
N ASN B 20 -17.26 -19.72 13.66
CA ASN B 20 -16.71 -19.94 15.01
C ASN B 20 -17.64 -20.88 15.80
N ASP B 21 -17.28 -21.16 17.05
CA ASP B 21 -18.06 -22.07 17.89
C ASP B 21 -19.46 -21.54 18.27
N ARG B 22 -19.68 -20.24 18.08
CA ARG B 22 -20.99 -19.60 18.26
C ARG B 22 -21.87 -19.60 17.00
N GLY B 23 -21.36 -20.15 15.89
CA GLY B 23 -22.08 -20.16 14.61
C GLY B 23 -21.98 -18.89 13.78
N GLU B 24 -21.08 -17.97 14.17
CA GLU B 24 -20.93 -16.69 13.49
C GLU B 24 -19.96 -16.84 12.31
N PRO B 25 -20.36 -16.39 11.10
CA PRO B 25 -19.56 -16.64 9.89
C PRO B 25 -18.36 -15.68 9.72
N TYR B 26 -17.27 -16.23 9.18
CA TYR B 26 -16.08 -15.45 8.80
C TYR B 26 -15.70 -15.75 7.36
N LEU B 27 -15.32 -14.71 6.62
CA LEU B 27 -14.72 -14.85 5.29
C LEU B 27 -13.20 -14.97 5.46
N ILE B 28 -12.64 -16.11 5.08
CA ILE B 28 -11.21 -16.35 5.10
C ILE B 28 -10.69 -16.24 3.66
N GLN B 29 -9.80 -15.28 3.41
CA GLN B 29 -9.18 -15.10 2.10
C GLN B 29 -7.70 -15.43 2.19
N VAL B 30 -7.21 -16.21 1.24
CA VAL B 30 -5.85 -16.71 1.24
C VAL B 30 -5.19 -16.43 -0.11
N SER B 31 -3.94 -15.96 -0.07
CA SER B 31 -3.12 -15.83 -1.29
C SER B 31 -1.71 -16.37 -1.06
N TRP B 32 -1.08 -16.77 -2.15
CA TRP B 32 0.25 -17.38 -2.14
C TRP B 32 1.09 -16.77 -3.27
N PRO B 33 2.42 -17.02 -3.28
CA PRO B 33 3.28 -16.33 -4.25
C PRO B 33 2.83 -16.48 -5.71
N LEU B 34 2.90 -15.39 -6.46
CA LEU B 34 2.34 -15.32 -7.81
C LEU B 34 3.08 -16.23 -8.81
N HIS B 35 4.38 -16.42 -8.60
CA HIS B 35 5.20 -17.27 -9.48
C HIS B 35 4.90 -18.78 -9.40
N TRP B 36 4.15 -19.20 -8.38
CA TRP B 36 3.71 -20.60 -8.28
C TRP B 36 2.73 -20.93 -9.41
N GLU B 37 2.98 -22.06 -10.08
CA GLU B 37 2.14 -22.50 -11.20
C GLU B 37 0.77 -22.92 -10.70
N ASP B 38 0.76 -23.64 -9.57
CA ASP B 38 -0.46 -23.91 -8.83
C ASP B 38 -0.13 -23.91 -7.33
N LYS B 39 -1.15 -24.10 -6.51
CA LYS B 39 -1.01 -24.10 -5.06
C LYS B 39 -0.12 -25.22 -4.51
N GLN B 40 -0.07 -26.35 -5.22
CA GLN B 40 0.78 -27.49 -4.81
C GLN B 40 2.28 -27.29 -5.12
N THR B 41 2.64 -26.21 -5.81
CA THR B 41 4.04 -25.80 -6.00
C THR B 41 4.78 -25.62 -4.67
N GLY B 42 4.10 -25.05 -3.68
CA GLY B 42 4.68 -24.81 -2.36
C GLY B 42 5.02 -26.09 -1.61
N ARG B 43 6.28 -26.21 -1.19
CA ARG B 43 6.76 -27.34 -0.40
C ARG B 43 7.75 -26.84 0.66
N GLY B 44 7.66 -27.39 1.87
CA GLY B 44 8.59 -27.06 2.95
C GLY B 44 8.17 -25.85 3.77
N PRO B 45 9.11 -25.25 4.53
CA PRO B 45 8.78 -24.17 5.47
C PRO B 45 8.50 -22.81 4.80
N LEU B 46 7.36 -22.21 5.14
CA LEU B 46 6.98 -20.88 4.65
C LEU B 46 6.44 -20.03 5.80
N PRO B 47 6.70 -18.71 5.77
CA PRO B 47 6.10 -17.80 6.75
C PRO B 47 4.65 -17.52 6.39
N ILE B 48 3.83 -17.23 7.41
CA ILE B 48 2.41 -16.97 7.22
C ILE B 48 1.99 -15.78 8.08
N ILE B 49 1.17 -14.89 7.51
CA ILE B 49 0.70 -13.70 8.21
C ILE B 49 -0.83 -13.70 8.22
N TYR B 50 -1.41 -13.57 9.41
CA TYR B 50 -2.85 -13.48 9.61
C TYR B 50 -3.21 -12.01 9.80
N ILE B 51 -4.18 -11.54 9.01
CA ILE B 51 -4.57 -10.12 8.98
C ILE B 51 -6.05 -10.02 9.36
N VAL B 52 -6.32 -9.36 10.50
CA VAL B 52 -7.70 -9.11 10.95
C VAL B 52 -8.24 -7.84 10.29
N ASP B 53 -9.56 -7.62 10.35
CA ASP B 53 -10.28 -6.73 9.42
C ASP B 53 -9.87 -7.08 7.98
N GLY B 54 -9.97 -8.36 7.67
CA GLY B 54 -9.43 -8.93 6.43
C GLY B 54 -9.91 -8.27 5.15
N ASN B 55 -11.18 -7.88 5.14
CA ASN B 55 -11.80 -7.25 3.96
C ASN B 55 -11.11 -5.94 3.57
N ALA B 56 -10.60 -5.21 4.56
CA ALA B 56 -9.97 -3.91 4.33
C ALA B 56 -8.56 -3.97 3.75
N LEU B 57 -7.87 -5.10 3.92
CA LEU B 57 -6.42 -5.19 3.68
C LEU B 57 -5.93 -6.34 2.79
N PHE B 58 -6.79 -7.32 2.47
CA PHE B 58 -6.35 -8.54 1.76
C PHE B 58 -5.66 -8.26 0.42
N LEU B 59 -6.24 -7.36 -0.36
CA LEU B 59 -5.76 -7.07 -1.71
C LEU B 59 -4.39 -6.38 -1.70
N THR B 60 -4.22 -5.41 -0.80
CA THR B 60 -2.96 -4.67 -0.65
C THR B 60 -1.85 -5.58 -0.14
N ALA B 61 -2.14 -6.37 0.89
CA ALA B 61 -1.18 -7.35 1.41
C ALA B 61 -0.77 -8.35 0.33
N THR B 62 -1.76 -8.87 -0.40
CA THR B 62 -1.54 -9.82 -1.49
C THR B 62 -0.63 -9.24 -2.58
N GLU B 63 -0.97 -8.04 -3.06
CA GLU B 63 -0.23 -7.41 -4.16
C GLU B 63 1.15 -6.92 -3.71
N ALA B 64 1.26 -6.40 -2.49
CA ALA B 64 2.56 -6.01 -1.92
C ALA B 64 3.50 -7.22 -1.80
N ALA B 65 2.96 -8.36 -1.37
CA ALA B 65 3.71 -9.62 -1.31
C ALA B 65 4.20 -10.03 -2.71
N TRP B 66 3.32 -9.90 -3.71
CA TRP B 66 3.68 -10.23 -5.09
C TRP B 66 4.73 -9.29 -5.66
N ARG B 67 4.65 -8.00 -5.34
CA ARG B 67 5.68 -7.02 -5.76
C ARG B 67 7.09 -7.36 -5.24
N ARG B 68 7.17 -8.05 -4.10
CA ARG B 68 8.47 -8.46 -3.55
C ARG B 68 9.27 -9.40 -4.47
N ALA B 69 8.59 -10.15 -5.34
CA ALA B 69 9.27 -11.06 -6.29
C ALA B 69 10.30 -10.36 -7.20
N ALA B 70 10.09 -9.08 -7.47
CA ALA B 70 11.03 -8.26 -8.25
C ALA B 70 12.19 -7.65 -7.42
N ALA B 71 12.11 -7.77 -6.09
CA ALA B 71 13.16 -7.24 -5.20
C ALA B 71 14.31 -8.24 -5.07
N SER B 72 15.54 -7.72 -4.99
CA SER B 72 16.73 -8.55 -4.87
C SER B 72 16.81 -9.35 -3.56
N HIS B 73 16.16 -8.85 -2.50
CA HIS B 73 16.13 -9.53 -1.19
C HIS B 73 14.98 -10.56 -1.04
N PHE B 74 14.24 -10.83 -2.11
CA PHE B 74 13.18 -11.84 -2.11
C PHE B 74 13.75 -13.23 -1.79
N ALA B 75 13.11 -13.93 -0.86
CA ALA B 75 13.57 -15.25 -0.41
C ALA B 75 12.62 -16.41 -0.76
N GLY B 76 11.50 -16.11 -1.43
CA GLY B 76 10.48 -17.11 -1.74
C GLY B 76 9.06 -16.71 -1.36
N GLY B 77 8.94 -15.73 -0.46
CA GLY B 77 7.64 -15.19 -0.08
C GLY B 77 6.95 -16.06 0.97
N GLY B 78 5.63 -15.85 1.11
CA GLY B 78 4.84 -16.57 2.10
C GLY B 78 3.36 -16.56 1.79
N ILE B 79 2.55 -16.94 2.79
CA ILE B 79 1.11 -17.06 2.65
C ILE B 79 0.43 -15.89 3.39
N ILE B 80 -0.52 -15.24 2.72
CA ILE B 80 -1.33 -14.18 3.31
C ILE B 80 -2.69 -14.77 3.68
N VAL B 81 -3.12 -14.58 4.93
CA VAL B 81 -4.45 -15.01 5.38
C VAL B 81 -5.19 -13.80 5.93
N ALA B 82 -6.24 -13.38 5.22
CA ALA B 82 -7.10 -12.28 5.68
C ALA B 82 -8.35 -12.86 6.32
N ILE B 83 -8.60 -12.48 7.58
CA ILE B 83 -9.72 -12.98 8.35
C ILE B 83 -10.76 -11.86 8.44
N GLY B 84 -11.84 -12.01 7.69
CA GLY B 84 -12.84 -10.97 7.51
C GLY B 84 -14.26 -11.47 7.71
N TYR B 85 -15.21 -10.68 7.20
CA TYR B 85 -16.63 -10.93 7.40
C TYR B 85 -17.37 -10.91 6.06
N PRO B 86 -18.53 -11.59 5.98
CA PRO B 86 -19.36 -11.47 4.77
C PRO B 86 -19.95 -10.06 4.66
N LEU B 87 -19.44 -9.28 3.71
CA LEU B 87 -19.79 -7.88 3.54
C LEU B 87 -20.04 -7.53 2.07
N LYS B 88 -20.87 -6.51 1.86
CA LYS B 88 -21.13 -5.98 0.52
C LYS B 88 -21.16 -4.45 0.60
N GLY B 89 -20.33 -3.80 -0.23
CA GLY B 89 -20.29 -2.33 -0.30
C GLY B 89 -19.51 -1.62 0.79
N LYS B 90 -18.85 -2.37 1.68
CA LYS B 90 -18.07 -1.80 2.77
C LYS B 90 -16.94 -2.75 3.17
N LEU B 91 -15.94 -2.20 3.87
CA LEU B 91 -14.73 -2.94 4.26
C LEU B 91 -14.71 -3.40 5.72
N TYR B 92 -15.61 -2.88 6.55
CA TYR B 92 -15.63 -3.21 7.98
C TYR B 92 -17.03 -3.64 8.45
N ASP B 93 -17.05 -4.55 9.42
CA ASP B 93 -18.28 -4.93 10.12
C ASP B 93 -18.15 -4.37 11.54
N ALA B 94 -18.75 -3.20 11.75
CA ALA B 94 -18.60 -2.45 13.01
C ALA B 94 -19.02 -3.24 14.24
N ARG B 95 -20.17 -3.90 14.16
CA ARG B 95 -20.70 -4.68 15.29
C ARG B 95 -19.83 -5.90 15.61
N ARG B 96 -19.51 -6.69 14.59
CA ARG B 96 -18.73 -7.92 14.76
C ARG B 96 -17.32 -7.64 15.27
N ARG B 97 -16.64 -6.66 14.66
CA ARG B 97 -15.26 -6.32 15.01
C ARG B 97 -15.14 -5.69 16.41
N SER B 98 -16.17 -4.95 16.83
CA SER B 98 -16.21 -4.39 18.18
C SER B 98 -16.09 -5.46 19.26
N PHE B 99 -16.73 -6.61 19.04
CA PHE B 99 -16.61 -7.75 19.95
C PHE B 99 -15.29 -8.48 19.73
N ASP B 100 -14.98 -8.82 18.48
CA ASP B 100 -13.82 -9.66 18.15
C ASP B 100 -12.46 -9.06 18.51
N LEU B 101 -12.33 -7.74 18.45
CA LEU B 101 -11.03 -7.09 18.53
C LEU B 101 -10.71 -6.41 19.87
N THR B 102 -11.67 -6.35 20.80
CA THR B 102 -11.46 -5.68 22.09
C THR B 102 -11.34 -6.69 23.25
N PRO B 103 -10.40 -6.46 24.18
CA PRO B 103 -10.20 -7.38 25.29
C PRO B 103 -11.28 -7.26 26.38
N PRO B 104 -11.48 -8.33 27.17
CA PRO B 104 -12.50 -8.31 28.22
C PRO B 104 -12.14 -7.36 29.36
N THR B 105 -13.08 -6.49 29.75
CA THR B 105 -12.95 -5.63 30.92
C THR B 105 -14.30 -5.54 31.64
N ALA B 106 -14.26 -5.22 32.93
CA ALA B 106 -15.47 -5.10 33.75
C ALA B 106 -16.38 -3.94 33.32
N CYS B 107 -15.78 -2.87 32.77
CA CYS B 107 -16.53 -1.68 32.36
CA CYS B 107 -16.52 -1.67 32.36
C CYS B 107 -16.81 -1.62 30.85
N ALA B 108 -16.37 -2.63 30.10
CA ALA B 108 -16.62 -2.67 28.65
C ALA B 108 -18.13 -2.71 28.37
N PRO B 109 -18.61 -1.89 27.40
CA PRO B 109 -20.04 -1.95 27.06
C PRO B 109 -20.48 -3.30 26.48
N VAL B 110 -21.79 -3.49 26.35
CA VAL B 110 -22.35 -4.68 25.73
C VAL B 110 -21.89 -4.72 24.27
N GLY B 111 -21.48 -5.90 23.81
CA GLY B 111 -20.95 -6.06 22.45
C GLY B 111 -19.44 -5.89 22.30
N TYR B 112 -18.73 -5.71 23.42
CA TYR B 112 -17.26 -5.63 23.44
C TYR B 112 -16.69 -6.72 24.34
N GLY B 113 -15.39 -6.96 24.24
CA GLY B 113 -14.68 -7.88 25.12
C GLY B 113 -14.60 -9.33 24.67
N GLY B 114 -14.63 -9.56 23.36
CA GLY B 114 -14.59 -10.91 22.80
C GLY B 114 -13.28 -11.31 22.13
N ALA B 115 -12.19 -10.63 22.47
CA ALA B 115 -10.88 -10.88 21.85
C ALA B 115 -10.35 -12.29 22.03
N ASP B 116 -10.57 -12.87 23.22
CA ASP B 116 -10.09 -14.22 23.52
C ASP B 116 -10.89 -15.29 22.78
N VAL B 117 -12.18 -15.04 22.60
CA VAL B 117 -13.04 -15.90 21.77
C VAL B 117 -12.52 -15.91 20.33
N PHE B 118 -12.21 -14.71 19.82
CA PHE B 118 -11.70 -14.55 18.46
C PHE B 118 -10.30 -15.16 18.29
N LEU B 119 -9.40 -14.92 19.24
CA LEU B 119 -8.05 -15.50 19.18
C LEU B 119 -8.08 -17.03 19.23
N ASP B 120 -8.98 -17.61 20.04
CA ASP B 120 -9.21 -19.05 20.04
C ASP B 120 -9.69 -19.55 18.66
N PHE B 121 -10.61 -18.81 18.05
CA PHE B 121 -11.08 -19.11 16.69
C PHE B 121 -9.95 -19.11 15.66
N ILE B 122 -9.06 -18.12 15.73
CA ILE B 122 -7.92 -18.04 14.81
C ILE B 122 -7.00 -19.25 14.98
N GLU B 123 -6.65 -19.56 16.23
CA GLU B 123 -5.71 -20.65 16.52
C GLU B 123 -6.29 -22.04 16.30
N ASN B 124 -7.54 -22.25 16.69
CA ASN B 124 -8.16 -23.59 16.66
C ASN B 124 -9.01 -23.90 15.43
N SER B 125 -9.37 -22.87 14.64
CA SER B 125 -10.16 -23.07 13.41
C SER B 125 -9.49 -22.55 12.15
N VAL B 126 -9.04 -21.29 12.16
CA VAL B 126 -8.45 -20.67 10.95
C VAL B 126 -7.12 -21.32 10.59
N ARG B 127 -6.22 -21.41 11.57
CA ARG B 127 -4.88 -22.00 11.37
C ARG B 127 -4.92 -23.44 10.80
N PRO B 128 -5.69 -24.36 11.44
CA PRO B 128 -5.79 -25.70 10.86
C PRO B 128 -6.48 -25.77 9.50
N ALA B 129 -7.47 -24.89 9.27
CA ALA B 129 -8.14 -24.81 7.96
C ALA B 129 -7.17 -24.41 6.86
N VAL B 130 -6.34 -23.41 7.13
CA VAL B 130 -5.32 -22.94 6.18
C VAL B 130 -4.23 -24.00 5.98
N GLN B 131 -3.77 -24.61 7.08
CA GLN B 131 -2.81 -25.73 7.00
C GLN B 131 -3.32 -26.88 6.11
N ALA B 132 -4.62 -27.17 6.18
CA ALA B 132 -5.24 -28.21 5.35
C ALA B 132 -5.26 -27.86 3.84
N ARG B 133 -5.23 -26.58 3.51
CA ARG B 133 -5.12 -26.12 2.11
C ARG B 133 -3.71 -26.26 1.54
N PHE B 134 -2.69 -26.28 2.41
CA PHE B 134 -1.29 -26.46 2.01
C PHE B 134 -0.67 -27.64 2.80
N PRO B 135 -1.11 -28.88 2.54
CA PRO B 135 -0.57 -30.04 3.29
C PRO B 135 0.93 -30.32 3.08
N GLN B 136 1.47 -29.90 1.94
CA GLN B 136 2.91 -30.03 1.64
C GLN B 136 3.77 -28.96 2.33
N VAL B 137 3.14 -27.91 2.87
CA VAL B 137 3.81 -26.79 3.52
C VAL B 137 3.81 -26.96 5.04
N SER B 138 4.91 -26.58 5.67
CA SER B 138 4.98 -26.40 7.13
C SER B 138 5.04 -24.91 7.43
N LEU B 139 4.44 -24.51 8.54
CA LEU B 139 4.40 -23.10 8.94
C LEU B 139 5.67 -22.77 9.72
N ALA B 140 6.63 -22.14 9.04
CA ALA B 140 7.94 -21.78 9.62
C ALA B 140 7.82 -20.80 10.77
N ARG B 141 6.94 -19.81 10.59
CA ARG B 141 6.65 -18.82 11.62
C ARG B 141 5.33 -18.15 11.26
N GLU B 142 4.71 -17.52 12.26
CA GLU B 142 3.38 -16.94 12.12
C GLU B 142 3.33 -15.53 12.68
N ALA B 143 2.71 -14.61 11.94
CA ALA B 143 2.51 -13.22 12.38
C ALA B 143 1.04 -12.88 12.46
N LEU B 144 0.68 -12.06 13.45
CA LEU B 144 -0.66 -11.51 13.60
C LEU B 144 -0.60 -10.01 13.37
N TYR B 145 -1.29 -9.54 12.34
CA TYR B 145 -1.38 -8.11 12.01
C TYR B 145 -2.79 -7.61 12.30
N GLY B 146 -2.87 -6.42 12.88
CA GLY B 146 -4.14 -5.70 12.98
C GLY B 146 -3.93 -4.19 13.07
N HIS B 147 -4.96 -3.46 12.63
CA HIS B 147 -4.92 -2.00 12.59
C HIS B 147 -6.05 -1.39 13.43
N SER B 148 -5.74 -0.34 14.19
CA SER B 148 -6.70 0.34 15.10
C SER B 148 -7.19 -0.58 16.21
N TYR B 149 -8.47 -0.96 16.26
CA TYR B 149 -8.91 -2.02 17.19
C TYR B 149 -8.14 -3.32 16.92
N GLY B 150 -7.81 -3.58 15.65
CA GLY B 150 -6.96 -4.71 15.28
C GLY B 150 -5.57 -4.67 15.92
N GLY B 151 -5.01 -3.48 16.04
CA GLY B 151 -3.73 -3.27 16.71
C GLY B 151 -3.82 -3.54 18.20
N LEU B 152 -4.93 -3.14 18.79
CA LEU B 152 -5.26 -3.48 20.18
C LEU B 152 -5.32 -4.99 20.39
N LEU B 153 -5.96 -5.71 19.46
CA LEU B 153 -6.01 -7.19 19.50
C LEU B 153 -4.61 -7.80 19.46
N ALA B 154 -3.77 -7.32 18.55
CA ALA B 154 -2.38 -7.79 18.43
C ALA B 154 -1.60 -7.62 19.74
N LEU B 155 -1.74 -6.45 20.35
CA LEU B 155 -1.11 -6.17 21.65
C LEU B 155 -1.64 -7.10 22.75
N HIS B 156 -2.97 -7.26 22.80
CA HIS B 156 -3.61 -8.15 23.76
C HIS B 156 -3.13 -9.59 23.62
N ALA B 157 -3.02 -10.06 22.37
CA ALA B 157 -2.51 -11.40 22.08
C ALA B 157 -1.07 -11.57 22.59
N LEU B 158 -0.21 -10.59 22.33
CA LEU B 158 1.17 -10.61 22.82
C LEU B 158 1.24 -10.72 24.34
N PHE B 159 0.49 -9.86 25.03
CA PHE B 159 0.58 -9.76 26.49
C PHE B 159 -0.06 -10.94 27.24
N THR B 160 -1.08 -11.57 26.66
CA THR B 160 -1.82 -12.65 27.32
C THR B 160 -1.58 -14.06 26.76
N ARG B 161 -1.12 -14.17 25.50
CA ARG B 161 -0.75 -15.46 24.91
C ARG B 161 0.47 -15.32 23.97
N PRO B 162 1.62 -14.87 24.52
CA PRO B 162 2.81 -14.56 23.69
C PRO B 162 3.33 -15.70 22.81
N GLN B 163 3.14 -16.94 23.26
CA GLN B 163 3.53 -18.13 22.50
C GLN B 163 2.66 -18.46 21.26
N SER B 164 1.52 -17.79 21.09
CA SER B 164 0.57 -18.10 20.01
CA SER B 164 0.58 -18.12 20.02
C SER B 164 1.08 -17.74 18.62
N PHE B 165 1.78 -16.61 18.51
CA PHE B 165 2.39 -16.15 17.26
C PHE B 165 3.83 -15.74 17.50
N ASP B 166 4.63 -15.77 16.43
CA ASP B 166 6.06 -15.40 16.49
C ASP B 166 6.26 -13.89 16.43
N CYS B 167 5.36 -13.20 15.71
CA CYS B 167 5.46 -11.77 15.49
C CYS B 167 4.09 -11.13 15.63
N TYR B 168 4.03 -10.00 16.33
CA TYR B 168 2.80 -9.24 16.50
C TYR B 168 3.01 -7.88 15.85
N ILE B 169 2.10 -7.50 14.95
CA ILE B 169 2.23 -6.25 14.20
C ILE B 169 1.02 -5.39 14.53
N ALA B 170 1.25 -4.38 15.36
CA ALA B 170 0.21 -3.48 15.86
C ALA B 170 0.27 -2.16 15.10
N SER B 171 -0.60 -2.01 14.10
CA SER B 171 -0.69 -0.78 13.32
C SER B 171 -1.66 0.19 13.98
N SER B 172 -1.18 1.37 14.35
CA SER B 172 -2.00 2.42 14.99
C SER B 172 -2.94 1.87 16.07
N PRO B 173 -2.39 1.14 17.06
CA PRO B 173 -3.23 0.45 18.04
C PRO B 173 -4.08 1.44 18.84
N SER B 174 -5.36 1.12 19.00
CA SER B 174 -6.29 1.99 19.73
C SER B 174 -6.10 1.82 21.24
N ILE B 175 -4.95 2.27 21.74
CA ILE B 175 -4.59 2.15 23.16
C ILE B 175 -5.56 2.97 24.02
N TRP B 176 -6.04 4.09 23.47
CA TRP B 176 -7.09 4.91 24.09
C TRP B 176 -8.37 4.19 24.55
N TRP B 177 -8.74 3.09 23.87
CA TRP B 177 -10.01 2.40 24.15
C TRP B 177 -10.20 2.07 25.62
N ASN B 178 -9.16 1.51 26.22
CA ASN B 178 -9.10 1.34 27.67
C ASN B 178 -7.63 1.32 28.05
N SER B 179 -7.04 2.52 28.12
CA SER B 179 -5.60 2.65 28.38
C SER B 179 -5.20 1.91 29.65
N LEU B 180 -5.98 2.07 30.71
CA LEU B 180 -5.75 1.33 31.95
C LEU B 180 -5.67 -0.19 31.71
N CYS B 181 -6.60 -0.74 30.92
CA CYS B 181 -6.61 -2.18 30.63
C CYS B 181 -5.37 -2.66 29.88
N ILE B 182 -5.15 -2.15 28.67
CA ILE B 182 -4.04 -2.67 27.85
C ILE B 182 -2.67 -2.38 28.50
N LEU B 183 -2.54 -1.25 29.19
CA LEU B 183 -1.31 -0.96 29.95
C LEU B 183 -1.17 -1.80 31.23
N HIS B 184 -2.30 -2.19 31.85
CA HIS B 184 -2.27 -3.21 32.92
C HIS B 184 -1.73 -4.54 32.39
N GLU B 185 -2.18 -4.95 31.20
CA GLU B 185 -1.70 -6.17 30.57
C GLU B 185 -0.24 -6.09 30.16
N ALA B 186 0.19 -4.93 29.66
CA ALA B 186 1.60 -4.69 29.33
C ALA B 186 2.51 -4.76 30.56
N LYS B 187 2.07 -4.16 31.67
CA LYS B 187 2.83 -4.17 32.92
C LYS B 187 3.01 -5.59 33.47
N ALA B 188 1.93 -6.37 33.46
CA ALA B 188 1.98 -7.78 33.88
C ALA B 188 2.91 -8.61 32.99
N PHE B 189 2.89 -8.34 31.69
CA PHE B 189 3.77 -9.01 30.72
C PHE B 189 5.25 -8.78 31.04
N VAL B 190 5.65 -7.53 31.31
CA VAL B 190 7.05 -7.21 31.61
C VAL B 190 7.50 -7.71 32.99
N GLU B 191 6.60 -7.69 33.98
CA GLU B 191 6.91 -8.11 35.34
C GLU B 191 7.01 -9.64 35.55
N THR B 192 6.44 -10.42 34.62
CA THR B 192 6.52 -11.89 34.68
C THR B 192 7.92 -12.36 34.30
N LYS B 193 8.40 -13.41 34.97
CA LYS B 193 9.73 -13.98 34.67
C LYS B 193 9.69 -14.81 33.37
N LYS B 194 10.80 -14.77 32.62
CA LYS B 194 10.94 -15.55 31.39
C LYS B 194 11.22 -17.01 31.73
N GLN B 199 11.83 -19.27 23.15
CA GLN B 199 12.08 -18.24 22.16
C GLN B 199 11.06 -17.12 22.27
N SER B 200 11.54 -15.90 22.46
CA SER B 200 10.68 -14.72 22.66
C SER B 200 10.09 -14.23 21.33
N PRO B 201 8.83 -13.76 21.34
CA PRO B 201 8.27 -13.16 20.13
C PRO B 201 8.79 -11.75 19.86
N SER B 202 8.42 -11.21 18.70
CA SER B 202 8.76 -9.83 18.32
C SER B 202 7.50 -9.00 18.16
N LEU B 203 7.65 -7.68 18.32
CA LEU B 203 6.56 -6.73 18.22
C LEU B 203 6.95 -5.59 17.27
N MET B 204 6.05 -5.26 16.34
CA MET B 204 6.17 -4.05 15.54
C MET B 204 4.98 -3.16 15.87
N VAL B 205 5.26 -1.94 16.29
CA VAL B 205 4.23 -0.94 16.57
C VAL B 205 4.44 0.23 15.61
N SER B 206 3.36 0.73 15.01
CA SER B 206 3.45 1.88 14.12
C SER B 206 2.25 2.82 14.26
N TRP B 207 2.45 4.03 13.78
CA TRP B 207 1.38 5.03 13.70
C TRP B 207 1.77 6.10 12.69
N GLY B 208 0.79 6.88 12.24
CA GLY B 208 1.03 8.00 11.34
C GLY B 208 1.21 9.30 12.10
N SER B 209 2.10 10.17 11.61
CA SER B 209 2.41 11.43 12.30
C SER B 209 1.25 12.44 12.32
N TRP B 210 0.31 12.29 11.38
CA TRP B 210 -0.90 13.14 11.33
C TRP B 210 -2.06 12.66 12.22
N GLU B 211 -1.93 11.49 12.85
CA GLU B 211 -3.00 10.96 13.70
C GLU B 211 -3.23 11.84 14.93
N GLN B 212 -2.17 12.12 15.67
CA GLN B 212 -2.26 12.99 16.86
C GLN B 212 -2.12 14.48 16.51
N HIS B 213 -1.44 14.80 15.41
CA HIS B 213 -1.20 16.19 14.99
C HIS B 213 -1.56 16.39 13.52
N PRO B 214 -2.87 16.42 13.21
CA PRO B 214 -3.30 16.57 11.82
C PRO B 214 -3.10 18.01 11.32
N PRO B 215 -2.64 18.17 10.06
CA PRO B 215 -2.60 19.52 9.49
C PRO B 215 -3.99 19.96 9.01
N ARG B 216 -4.17 21.26 8.90
CA ARG B 216 -5.41 21.84 8.41
C ARG B 216 -5.52 21.61 6.90
N TRP B 217 -6.71 21.25 6.43
CA TRP B 217 -6.94 21.08 4.99
C TRP B 217 -7.05 22.45 4.32
N ALA B 218 -6.88 22.46 3.00
CA ALA B 218 -7.15 23.66 2.21
C ALA B 218 -8.64 24.01 2.32
N ASP B 219 -8.91 25.30 2.57
CA ASP B 219 -10.28 25.83 2.74
C ASP B 219 -11.07 25.30 3.96
N GLU B 220 -10.40 24.61 4.89
CA GLU B 220 -11.06 24.14 6.11
C GLU B 220 -11.20 25.32 7.06
N LEU B 221 -12.42 25.54 7.55
CA LEU B 221 -12.69 26.63 8.48
C LEU B 221 -12.24 26.25 9.89
N LEU B 222 -11.99 27.27 10.71
CA LEU B 222 -11.24 27.11 11.96
C LEU B 222 -11.91 26.19 12.98
N ASP B 223 -13.20 26.38 13.23
CA ASP B 223 -13.93 25.56 14.20
C ASP B 223 -13.89 24.07 13.84
N HIS B 224 -14.04 23.76 12.56
CA HIS B 224 -13.95 22.38 12.07
C HIS B 224 -12.57 21.77 12.34
N TYR B 225 -11.51 22.55 12.08
CA TYR B 225 -10.14 22.10 12.29
C TYR B 225 -9.78 21.91 13.76
N GLU B 226 -10.17 22.87 14.60
CA GLU B 226 -9.95 22.77 16.04
C GLU B 226 -10.65 21.56 16.66
N ALA B 227 -11.83 21.21 16.14
CA ALA B 227 -12.54 20.00 16.56
C ALA B 227 -11.78 18.72 16.19
N ARG B 228 -11.19 18.69 15.00
CA ARG B 228 -10.34 17.56 14.59
C ARG B 228 -9.10 17.43 15.47
N LYS B 229 -8.46 18.56 15.78
CA LYS B 229 -7.30 18.58 16.67
C LYS B 229 -7.64 18.13 18.10
N ARG B 230 -8.82 18.51 18.57
CA ARG B 230 -9.33 18.13 19.89
C ARG B 230 -9.51 16.62 19.99
N THR B 231 -10.16 16.04 18.98
CA THR B 231 -10.33 14.60 18.88
C THR B 231 -8.98 13.88 18.79
N ALA B 232 -8.09 14.38 17.92
CA ALA B 232 -6.73 13.84 17.78
C ALA B 232 -5.96 13.82 19.11
N ALA B 233 -6.07 14.90 19.88
CA ALA B 233 -5.43 14.99 21.19
C ALA B 233 -5.95 13.97 22.19
N GLU B 234 -7.26 13.74 22.18
CA GLU B 234 -7.92 12.76 23.07
C GLU B 234 -7.51 11.32 22.77
N LEU B 235 -7.44 10.98 21.48
CA LEU B 235 -7.01 9.63 21.05
C LEU B 235 -5.54 9.37 21.37
N ARG B 236 -4.71 10.43 21.32
CA ARG B 236 -3.33 10.40 21.81
C ARG B 236 -2.52 9.24 21.21
N MET B 237 -2.64 9.07 19.90
CA MET B 237 -2.09 7.89 19.21
C MET B 237 -0.58 7.74 19.41
N ALA B 238 0.16 8.81 19.10
CA ALA B 238 1.63 8.77 19.14
C ALA B 238 2.15 8.60 20.56
N ASP B 239 1.70 9.46 21.47
CA ASP B 239 2.20 9.45 22.85
C ASP B 239 1.81 8.21 23.65
N ASN B 240 0.61 7.67 23.42
CA ASN B 240 0.21 6.38 24.03
C ASN B 240 1.08 5.23 23.52
N ALA B 241 1.35 5.22 22.21
CA ALA B 241 2.23 4.21 21.61
C ALA B 241 3.66 4.32 22.14
N LEU B 242 4.17 5.54 22.25
CA LEU B 242 5.51 5.80 22.80
C LEU B 242 5.62 5.44 24.29
N ASP B 243 4.57 5.75 25.06
CA ASP B 243 4.50 5.33 26.47
C ASP B 243 4.55 3.81 26.61
N LEU B 244 3.82 3.10 25.75
CA LEU B 244 3.80 1.63 25.77
C LEU B 244 5.17 1.04 25.42
N CYS B 245 5.77 1.55 24.35
CA CYS B 245 7.11 1.09 23.92
C CYS B 245 8.19 1.35 24.98
N ALA B 246 8.07 2.46 25.68
CA ALA B 246 8.97 2.78 26.81
C ALA B 246 8.83 1.77 27.97
N MET B 247 7.59 1.35 28.25
CA MET B 247 7.32 0.31 29.25
C MET B 247 7.91 -1.06 28.84
N LEU B 248 7.83 -1.37 27.54
CA LEU B 248 8.37 -2.63 27.01
C LEU B 248 9.88 -2.64 26.76
N HIS B 249 10.51 -1.46 26.75
CA HIS B 249 11.96 -1.33 26.50
C HIS B 249 12.79 -2.11 27.52
N GLY B 250 13.71 -2.93 27.02
CA GLY B 250 14.57 -3.77 27.87
C GLY B 250 13.91 -5.01 28.46
N CYS B 251 12.74 -5.39 27.96
CA CYS B 251 12.01 -6.57 28.47
C CYS B 251 12.60 -7.84 27.86
N SER B 252 12.97 -8.78 28.73
CA SER B 252 13.59 -10.05 28.31
C SER B 252 12.63 -10.97 27.53
N ARG B 253 11.33 -10.87 27.81
CA ARG B 253 10.32 -11.69 27.12
C ARG B 253 10.04 -11.29 25.67
N LEU B 254 10.60 -10.17 25.22
CA LEU B 254 10.48 -9.71 23.84
C LEU B 254 11.85 -9.78 23.18
N HIS B 255 11.94 -10.46 22.04
CA HIS B 255 13.18 -10.55 21.27
C HIS B 255 13.55 -9.22 20.64
N ALA B 256 12.58 -8.61 19.95
CA ALA B 256 12.76 -7.31 19.31
C ALA B 256 11.50 -6.47 19.41
N LEU B 257 11.69 -5.16 19.56
CA LEU B 257 10.61 -4.19 19.50
C LEU B 257 10.99 -3.14 18.46
N ILE B 258 10.19 -3.03 17.41
CA ILE B 258 10.41 -2.07 16.34
C ILE B 258 9.26 -1.09 16.38
N LYS B 259 9.57 0.21 16.51
CA LYS B 259 8.56 1.26 16.46
C LYS B 259 8.84 2.24 15.33
N THR B 260 7.76 2.69 14.67
CA THR B 260 7.86 3.51 13.47
C THR B 260 6.75 4.56 13.45
N GLU B 261 7.14 5.82 13.32
CA GLU B 261 6.18 6.89 12.98
C GLU B 261 6.31 7.19 11.49
N TYR B 262 5.23 6.94 10.75
CA TYR B 262 5.19 7.27 9.31
C TYR B 262 4.85 8.74 9.12
N GLU B 263 5.79 9.51 8.58
CA GLU B 263 5.59 10.95 8.37
C GLU B 263 4.51 11.21 7.32
N GLY B 264 3.57 12.08 7.65
CA GLY B 264 2.55 12.52 6.72
C GLY B 264 1.39 11.57 6.49
N GLU B 265 1.23 10.56 7.35
CA GLU B 265 0.15 9.60 7.22
C GLU B 265 -0.88 9.79 8.33
N ASP B 266 -2.16 9.58 7.99
CA ASP B 266 -3.26 9.60 8.96
C ASP B 266 -3.69 8.16 9.28
N ASN B 267 -4.72 8.00 10.10
CA ASN B 267 -5.18 6.66 10.53
C ASN B 267 -5.56 5.74 9.36
N THR B 268 -6.12 6.31 8.30
CA THR B 268 -6.52 5.54 7.12
C THR B 268 -5.34 5.30 6.18
N SER B 269 -4.64 6.38 5.82
CA SER B 269 -3.56 6.32 4.83
C SER B 269 -2.38 5.45 5.24
N VAL B 270 -2.08 5.41 6.55
CA VAL B 270 -0.96 4.62 7.07
C VAL B 270 -1.12 3.10 6.88
N MET B 271 -2.36 2.64 6.68
CA MET B 271 -2.65 1.21 6.50
C MET B 271 -1.91 0.59 5.32
N SER B 272 -1.83 1.33 4.21
CA SER B 272 -1.07 0.90 3.03
C SER B 272 0.41 0.70 3.35
N CYS B 273 0.98 1.65 4.08
CA CYS B 273 2.39 1.60 4.49
C CYS B 273 2.67 0.50 5.51
N SER B 274 1.84 0.41 6.55
CA SER B 274 2.09 -0.49 7.68
C SER B 274 1.94 -1.98 7.33
N VAL B 275 0.91 -2.31 6.54
CA VAL B 275 0.69 -3.70 6.14
C VAL B 275 1.77 -4.17 5.15
N SER B 276 2.20 -3.27 4.27
CA SER B 276 3.25 -3.56 3.29
C SER B 276 4.60 -3.78 3.96
N ARG B 277 5.01 -2.86 4.84
CA ARG B 277 6.27 -3.02 5.58
C ARG B 277 6.23 -4.23 6.52
N GLY B 278 5.09 -4.41 7.19
CA GLY B 278 4.90 -5.52 8.13
C GLY B 278 5.19 -6.88 7.51
N LEU B 279 4.50 -7.18 6.42
CA LEU B 279 4.68 -8.47 5.73
C LEU B 279 6.08 -8.59 5.11
N THR B 280 6.61 -7.49 4.59
CA THR B 280 7.95 -7.49 3.97
C THR B 280 9.03 -7.84 4.99
N MET B 281 9.02 -7.14 6.12
CA MET B 281 10.00 -7.40 7.18
C MET B 281 9.87 -8.80 7.76
N PHE B 282 8.63 -9.22 8.02
CA PHE B 282 8.38 -10.57 8.53
C PHE B 282 8.81 -11.67 7.56
N PHE B 283 8.60 -11.46 6.26
CA PHE B 283 9.00 -12.44 5.25
C PHE B 283 10.51 -12.44 4.97
N GLU B 284 11.11 -11.26 4.83
CA GLU B 284 12.48 -11.14 4.30
C GLU B 284 13.60 -10.80 5.29
N ASP B 285 13.26 -10.22 6.45
CA ASP B 285 14.25 -9.72 7.41
C ASP B 285 14.22 -10.45 8.75
N TRP B 286 13.77 -11.71 8.75
CA TRP B 286 13.62 -12.51 9.96
C TRP B 286 14.89 -13.37 10.19
N PRO B 287 15.38 -13.50 11.42
CA PRO B 287 14.88 -12.83 12.63
C PRO B 287 15.35 -11.38 12.73
N PHE B 288 14.59 -10.56 13.45
CA PHE B 288 14.95 -9.16 13.67
C PHE B 288 16.12 -9.08 14.66
N HIS B 289 16.92 -8.03 14.56
CA HIS B 289 18.04 -7.80 15.48
C HIS B 289 17.51 -7.43 16.86
N GLN B 290 18.20 -7.87 17.91
CA GLN B 290 17.78 -7.65 19.30
C GLN B 290 17.69 -6.16 19.66
N SER B 291 16.74 -5.82 20.53
CA SER B 291 16.52 -4.46 21.00
C SER B 291 17.17 -4.25 22.37
C1 GOL C . -2.55 -10.12 -11.04
O1 GOL C . -3.40 -9.20 -10.34
C2 GOL C . -1.71 -9.40 -12.09
O2 GOL C . -2.53 -8.62 -12.94
C3 GOL C . -0.98 -10.46 -12.92
O3 GOL C . -0.14 -9.83 -13.90
C1 GOL D . 14.78 -14.47 4.49
O1 GOL D . 15.74 -13.44 4.26
C2 GOL D . 14.46 -14.56 5.99
O2 GOL D . 13.39 -13.66 6.32
C3 GOL D . 14.06 -15.97 6.40
O3 GOL D . 12.77 -16.34 5.88
C1 GOL E . -15.50 -6.15 0.53
O1 GOL E . -15.73 -6.20 1.94
C2 GOL E . -14.09 -6.61 0.20
O2 GOL E . -13.90 -7.95 0.67
C3 GOL E . -13.88 -6.55 -1.31
O3 GOL E . -12.56 -6.99 -1.70
C1 GOL F . -12.44 2.38 10.16
O1 GOL F . -13.70 3.06 10.21
C2 GOL F . -12.08 1.78 11.52
O2 GOL F . -13.26 1.31 12.19
C3 GOL F . -11.10 0.63 11.36
O3 GOL F . -9.98 1.00 10.53
C1 GOL G . -13.30 3.29 16.52
O1 GOL G . -14.34 4.08 15.95
C2 GOL G . -12.45 2.65 15.43
O2 GOL G . -12.12 3.64 14.44
C3 GOL G . -11.16 2.05 16.00
O3 GOL G . -10.91 0.77 15.43
#